data_3PPB
#
_entry.id   3PPB
#
_cell.length_a   57.762
_cell.length_b   60.042
_cell.length_c   107.734
_cell.angle_alpha   90.000
_cell.angle_beta   90.000
_cell.angle_gamma   90.000
#
_symmetry.space_group_name_H-M   'P 21 21 21'
#
loop_
_entity.id
_entity.type
_entity.pdbx_description
1 polymer 'putative tetR family transcription regulator'
2 non-polymer 'CHLORIDE ION'
3 non-polymer 1,2-ETHANEDIOL
4 non-polymer DI(HYDROXYETHYL)ETHER
5 non-polymer 'TETRAETHYLENE GLYCOL'
6 water water
#
_entity_poly.entity_id   1
_entity_poly.type   'polypeptide(L)'
_entity_poly.pdbx_seq_one_letter_code
;G(MSE)TASSKRTKKQAILETALQLFVSQGFHGTSTATIAREAGVATGTLFHHFPSKEQLLEQLFLGVKQEFADAIQASV
SSRGDLKQDAEQLWFAALTWA(MSE)ANPLKQAFFQLYS(MSE)SPTVEQSVRDQA(MSE)HGILGFIAELIRQGQASGE
LAEYPIEL(MSE)QDNCHGQYLAATRYFVDHPERWQQAHERSASFALFWNA(MSE)AVR
;
_entity_poly.pdbx_strand_id   A,B
#
# COMPACT_ATOMS: atom_id res chain seq x y z
N ARG A 8 -22.27 13.13 17.92
CA ARG A 8 -23.50 13.54 18.61
C ARG A 8 -24.55 12.43 18.54
N THR A 9 -24.79 11.85 17.34
CA THR A 9 -25.71 10.74 17.16
C THR A 9 -24.99 9.46 17.64
N LYS A 10 -25.77 8.44 18.06
CA LYS A 10 -25.21 7.17 18.57
C LYS A 10 -24.40 6.49 17.49
N LYS A 11 -24.96 6.37 16.28
CA LYS A 11 -24.30 5.79 15.12
C LYS A 11 -22.99 6.51 14.81
N GLN A 12 -22.97 7.86 14.90
CA GLN A 12 -21.77 8.66 14.60
C GLN A 12 -20.67 8.46 15.64
N ALA A 13 -21.05 8.36 16.93
CA ALA A 13 -20.10 8.12 18.02
C ALA A 13 -19.39 6.76 17.81
N ILE A 14 -20.16 5.73 17.36
CA ILE A 14 -19.64 4.39 17.09
C ILE A 14 -18.66 4.47 15.91
N LEU A 15 -19.08 5.06 14.78
CA LEU A 15 -18.25 5.20 13.58
C LEU A 15 -16.94 5.93 13.85
N GLU A 16 -16.99 7.09 14.54
CA GLU A 16 -15.82 7.92 14.93
C GLU A 16 -14.88 7.18 15.90
N THR A 17 -15.45 6.46 16.88
CA THR A 17 -14.66 5.71 17.88
C THR A 17 -14.00 4.51 17.18
N ALA A 18 -14.77 3.79 16.31
CA ALA A 18 -14.27 2.65 15.52
C ALA A 18 -13.08 3.07 14.65
N LEU A 19 -13.19 4.26 13.99
CA LEU A 19 -12.12 4.79 13.14
C LEU A 19 -10.84 4.95 13.93
N GLN A 20 -10.92 5.59 15.11
CA GLN A 20 -9.78 5.78 16.00
C GLN A 20 -9.16 4.43 16.41
N LEU A 21 -9.99 3.48 16.86
CA LEU A 21 -9.48 2.20 17.36
C LEU A 21 -8.97 1.28 16.27
N PHE A 22 -9.63 1.22 15.09
CA PHE A 22 -9.16 0.38 13.98
C PHE A 22 -7.80 0.87 13.48
N VAL A 23 -7.48 2.15 13.69
CA VAL A 23 -6.18 2.67 13.28
C VAL A 23 -5.12 2.40 14.37
N SER A 24 -5.42 2.72 15.65
CA SER A 24 -4.43 2.57 16.72
C SER A 24 -4.24 1.13 17.19
N GLN A 25 -5.28 0.27 17.09
CA GLN A 25 -5.21 -1.12 17.58
C GLN A 25 -5.50 -2.20 16.52
N GLY A 26 -5.88 -1.80 15.32
CA GLY A 26 -6.24 -2.75 14.27
C GLY A 26 -7.66 -3.23 14.38
N PHE A 27 -8.13 -3.95 13.38
CA PHE A 27 -9.48 -4.48 13.31
C PHE A 27 -9.66 -5.66 14.28
N HIS A 28 -8.80 -6.69 14.20
CA HIS A 28 -8.88 -7.87 15.06
C HIS A 28 -8.35 -7.59 16.46
N GLY A 29 -7.57 -6.51 16.63
CA GLY A 29 -7.05 -6.09 17.92
C GLY A 29 -8.05 -5.27 18.72
N THR A 30 -9.17 -4.91 18.08
CA THR A 30 -10.25 -4.11 18.68
C THR A 30 -11.50 -4.95 18.88
N SER A 31 -12.04 -4.93 20.10
CA SER A 31 -13.29 -5.64 20.37
C SER A 31 -14.46 -4.67 20.25
N THR A 32 -15.66 -5.19 19.95
CA THR A 32 -16.91 -4.43 19.87
C THR A 32 -17.23 -3.80 21.24
N ALA A 33 -16.84 -4.47 22.36
CA ALA A 33 -17.05 -3.98 23.75
C ALA A 33 -16.26 -2.70 23.95
N THR A 34 -14.99 -2.68 23.52
CA THR A 34 -14.14 -1.50 23.57
C THR A 34 -14.75 -0.37 22.75
N ILE A 35 -15.22 -0.66 21.52
CA ILE A 35 -15.83 0.36 20.63
C ILE A 35 -17.03 0.98 21.32
N ALA A 36 -17.98 0.13 21.80
CA ALA A 36 -19.20 0.56 22.47
C ALA A 36 -18.90 1.46 23.68
N ARG A 37 -17.99 1.01 24.57
CA ARG A 37 -17.57 1.73 25.78
C ARG A 37 -16.98 3.09 25.43
N GLU A 38 -15.96 3.10 24.53
CA GLU A 38 -15.31 4.34 24.13
C GLU A 38 -16.32 5.31 23.46
N ALA A 39 -17.35 4.77 22.77
CA ALA A 39 -18.38 5.58 22.11
C ALA A 39 -19.42 6.08 23.11
N GLY A 40 -19.56 5.35 24.22
CA GLY A 40 -20.52 5.66 25.27
C GLY A 40 -21.90 5.11 24.94
N VAL A 41 -21.93 3.90 24.32
CA VAL A 41 -23.17 3.19 23.96
C VAL A 41 -23.14 1.77 24.53
N ALA A 42 -24.34 1.19 24.75
CA ALA A 42 -24.47 -0.19 25.18
C ALA A 42 -24.12 -1.10 24.02
N THR A 43 -23.51 -2.28 24.28
CA THR A 43 -23.13 -3.23 23.23
C THR A 43 -24.33 -3.57 22.32
N GLY A 44 -25.52 -3.61 22.90
CA GLY A 44 -26.78 -3.85 22.18
C GLY A 44 -27.06 -2.82 21.12
N THR A 45 -26.80 -1.53 21.43
CA THR A 45 -26.96 -0.40 20.50
C THR A 45 -25.95 -0.52 19.33
N LEU A 46 -24.71 -0.97 19.62
CA LEU A 46 -23.71 -1.14 18.58
C LEU A 46 -24.16 -2.19 17.54
N PHE A 47 -24.69 -3.33 18.03
CA PHE A 47 -25.11 -4.42 17.15
C PHE A 47 -26.39 -4.11 16.39
N HIS A 48 -27.22 -3.19 16.89
CA HIS A 48 -28.43 -2.75 16.18
C HIS A 48 -28.05 -2.07 14.86
N HIS A 49 -27.19 -1.04 14.91
CA HIS A 49 -26.72 -0.33 13.73
C HIS A 49 -25.74 -1.17 12.92
N PHE A 50 -24.88 -1.98 13.60
CA PHE A 50 -23.88 -2.78 12.89
C PHE A 50 -23.90 -4.24 13.40
N PRO A 51 -24.59 -5.16 12.68
CA PRO A 51 -24.73 -6.54 13.17
C PRO A 51 -23.42 -7.31 13.41
N SER A 52 -22.33 -6.89 12.78
CA SER A 52 -21.03 -7.51 12.97
C SER A 52 -19.95 -6.42 12.92
N LYS A 53 -18.74 -6.74 13.42
CA LYS A 53 -17.61 -5.83 13.43
C LYS A 53 -17.14 -5.60 11.98
N GLU A 54 -17.31 -6.64 11.13
CA GLU A 54 -17.03 -6.66 9.71
C GLU A 54 -17.89 -5.61 8.99
N GLN A 55 -19.22 -5.57 9.27
CA GLN A 55 -20.15 -4.61 8.68
C GLN A 55 -19.80 -3.17 9.10
N LEU A 56 -19.40 -2.98 10.39
CA LEU A 56 -18.97 -1.68 10.89
C LEU A 56 -17.74 -1.20 10.12
N LEU A 57 -16.73 -2.09 9.91
CA LEU A 57 -15.54 -1.74 9.14
C LEU A 57 -15.92 -1.38 7.68
N GLU A 58 -16.83 -2.14 7.06
CA GLU A 58 -17.24 -1.93 5.67
C GLU A 58 -17.98 -0.59 5.51
N GLN A 59 -18.86 -0.25 6.46
CA GLN A 59 -19.62 1.00 6.44
C GLN A 59 -18.68 2.18 6.66
N LEU A 60 -17.72 2.02 7.58
CA LEU A 60 -16.72 3.05 7.84
C LEU A 60 -15.86 3.28 6.58
N PHE A 61 -15.36 2.18 5.99
CA PHE A 61 -14.53 2.17 4.79
C PHE A 61 -15.18 2.95 3.67
N LEU A 62 -16.44 2.60 3.32
CA LEU A 62 -17.17 3.25 2.22
C LEU A 62 -17.47 4.72 2.53
N GLY A 63 -17.75 4.99 3.80
CA GLY A 63 -18.00 6.35 4.30
C GLY A 63 -16.82 7.27 4.10
N VAL A 64 -15.62 6.83 4.54
CA VAL A 64 -14.38 7.61 4.40
C VAL A 64 -14.03 7.75 2.89
N LYS A 65 -14.17 6.66 2.10
CA LYS A 65 -13.94 6.72 0.65
C LYS A 65 -14.85 7.79 0.01
N GLN A 66 -16.15 7.84 0.41
CA GLN A 66 -17.09 8.83 -0.12
C GLN A 66 -16.65 10.25 0.24
N GLU A 67 -16.21 10.50 1.49
CA GLU A 67 -15.70 11.81 1.92
C GLU A 67 -14.51 12.25 1.07
N PHE A 68 -13.55 11.33 0.84
CA PHE A 68 -12.37 11.57 0.03
C PHE A 68 -12.75 11.95 -1.40
N ALA A 69 -13.64 11.15 -2.02
CA ALA A 69 -14.11 11.34 -3.39
C ALA A 69 -14.80 12.69 -3.54
N ASP A 70 -15.67 13.04 -2.56
CA ASP A 70 -16.41 14.30 -2.50
C ASP A 70 -15.46 15.50 -2.39
N ALA A 71 -14.43 15.42 -1.51
CA ALA A 71 -13.47 16.52 -1.28
C ALA A 71 -12.62 16.80 -2.50
N ILE A 72 -12.07 15.76 -3.14
CA ILE A 72 -11.18 15.96 -4.29
C ILE A 72 -11.96 16.45 -5.51
N GLN A 73 -13.21 15.98 -5.70
CA GLN A 73 -14.03 16.43 -6.85
C GLN A 73 -14.52 17.87 -6.64
N ALA A 74 -14.88 18.25 -5.40
CA ALA A 74 -15.34 19.61 -5.07
C ALA A 74 -14.21 20.66 -5.23
N SER A 75 -12.95 20.21 -5.20
CA SER A 75 -11.76 21.06 -5.31
C SER A 75 -11.38 21.36 -6.77
N VAL A 76 -12.07 20.70 -7.71
CA VAL A 76 -11.76 20.79 -9.13
C VAL A 76 -12.89 21.39 -9.92
N SER A 77 -12.59 22.51 -10.58
CA SER A 77 -13.47 23.13 -11.56
C SER A 77 -12.70 23.06 -12.89
N SER A 78 -13.12 22.14 -13.77
CA SER A 78 -12.47 21.85 -15.03
C SER A 78 -12.56 23.00 -16.01
N ARG A 79 -11.45 23.20 -16.74
CA ARG A 79 -11.35 24.15 -17.85
C ARG A 79 -11.28 23.38 -19.18
N GLY A 80 -11.33 22.06 -19.09
CA GLY A 80 -11.30 21.16 -20.24
C GLY A 80 -9.98 20.47 -20.50
N ASP A 81 -8.91 20.87 -19.78
CA ASP A 81 -7.61 20.24 -19.96
C ASP A 81 -7.46 19.10 -18.96
N LEU A 82 -7.32 17.88 -19.50
CA LEU A 82 -7.23 16.69 -18.69
C LEU A 82 -6.01 16.69 -17.76
N LYS A 83 -4.81 17.02 -18.27
CA LYS A 83 -3.60 17.02 -17.45
C LYS A 83 -3.73 18.01 -16.30
N GLN A 84 -4.33 19.19 -16.56
CA GLN A 84 -4.55 20.21 -15.55
C GLN A 84 -5.50 19.70 -14.48
N ASP A 85 -6.60 19.03 -14.89
CA ASP A 85 -7.59 18.47 -13.96
C ASP A 85 -6.97 17.36 -13.13
N ALA A 86 -6.17 16.47 -13.80
CA ALA A 86 -5.46 15.37 -13.14
C ALA A 86 -4.51 15.93 -12.09
N GLU A 87 -3.83 17.07 -12.39
CA GLU A 87 -2.94 17.76 -11.45
C GLU A 87 -3.70 18.30 -10.25
N GLN A 88 -4.84 18.99 -10.49
CA GLN A 88 -5.72 19.52 -9.43
C GLN A 88 -6.24 18.38 -8.57
N LEU A 89 -6.65 17.23 -9.19
CA LEU A 89 -7.19 16.09 -8.43
C LEU A 89 -6.11 15.46 -7.56
N TRP A 90 -4.90 15.31 -8.13
CA TRP A 90 -3.76 14.73 -7.42
C TRP A 90 -3.37 15.59 -6.20
N PHE A 91 -3.24 16.91 -6.39
CA PHE A 91 -2.85 17.76 -5.27
C PHE A 91 -4.01 17.95 -4.27
N ALA A 92 -5.28 17.85 -4.72
CA ALA A 92 -6.43 17.88 -3.79
C ALA A 92 -6.44 16.62 -2.93
N ALA A 93 -6.09 15.46 -3.53
CA ALA A 93 -6.04 14.16 -2.83
C ALA A 93 -4.94 14.19 -1.77
N LEU A 94 -3.75 14.68 -2.15
CA LEU A 94 -2.59 14.78 -1.23
C LEU A 94 -2.88 15.80 -0.14
N THR A 95 -3.57 16.92 -0.46
CA THR A 95 -3.93 17.94 0.54
C THR A 95 -4.88 17.32 1.55
N TRP A 96 -5.86 16.53 1.05
CA TRP A 96 -6.84 15.86 1.91
C TRP A 96 -6.12 14.92 2.87
N ALA A 97 -5.14 14.13 2.36
CA ALA A 97 -4.33 13.19 3.15
C ALA A 97 -3.58 13.90 4.30
N ALA A 99 -4.45 16.92 5.56
CA ALA A 99 -5.46 17.57 6.40
C ALA A 99 -6.22 16.58 7.32
N ASN A 100 -6.29 15.27 6.96
CA ASN A 100 -7.05 14.25 7.73
C ASN A 100 -6.13 13.09 8.10
N PRO A 101 -5.18 13.29 9.06
CA PRO A 101 -4.17 12.23 9.33
C PRO A 101 -4.76 10.91 9.82
N LEU A 102 -5.86 10.92 10.59
CA LEU A 102 -6.47 9.68 11.07
C LEU A 102 -7.11 8.87 9.91
N LYS A 103 -7.96 9.54 9.10
CA LYS A 103 -8.63 8.92 7.96
C LYS A 103 -7.62 8.46 6.91
N GLN A 104 -6.51 9.22 6.74
CA GLN A 104 -5.45 8.85 5.82
C GLN A 104 -4.70 7.59 6.33
N ALA A 105 -4.39 7.53 7.64
CA ALA A 105 -3.73 6.35 8.23
C ALA A 105 -4.64 5.10 8.03
N PHE A 106 -5.99 5.29 8.13
CA PHE A 106 -7.02 4.27 7.88
C PHE A 106 -6.92 3.77 6.44
N PHE A 107 -6.70 4.67 5.46
CA PHE A 107 -6.52 4.24 4.04
C PHE A 107 -5.23 3.44 3.90
N GLN A 108 -4.16 3.93 4.48
CA GLN A 108 -2.86 3.28 4.41
C GLN A 108 -2.99 1.85 4.97
N LEU A 109 -3.75 1.68 6.04
CA LEU A 109 -3.91 0.35 6.61
C LEU A 109 -4.91 -0.55 5.88
N TYR A 110 -6.02 0.00 5.35
CA TYR A 110 -7.10 -0.86 4.85
C TYR A 110 -7.45 -0.81 3.34
N SER A 111 -7.14 0.31 2.63
CA SER A 111 -7.47 0.55 1.22
C SER A 111 -7.06 -0.52 0.21
N SER A 113 -5.49 -3.61 1.38
CA SER A 113 -5.17 -4.73 2.21
C SER A 113 -6.15 -5.90 2.02
N PRO A 114 -5.71 -7.14 2.31
CA PRO A 114 -6.64 -8.28 2.25
C PRO A 114 -7.73 -8.26 3.34
N THR A 115 -7.70 -7.27 4.28
CA THR A 115 -8.67 -7.20 5.40
C THR A 115 -10.09 -6.91 4.90
N VAL A 116 -10.25 -5.92 4.01
CA VAL A 116 -11.58 -5.53 3.50
C VAL A 116 -12.00 -6.52 2.41
N GLU A 117 -13.28 -6.96 2.43
CA GLU A 117 -13.88 -7.83 1.42
C GLU A 117 -13.64 -7.25 0.04
N GLN A 118 -13.23 -8.09 -0.95
CA GLN A 118 -12.95 -7.65 -2.32
C GLN A 118 -14.15 -6.93 -2.93
N SER A 119 -15.38 -7.40 -2.66
CA SER A 119 -16.61 -6.81 -3.17
C SER A 119 -16.80 -5.37 -2.67
N VAL A 120 -16.44 -5.09 -1.41
CA VAL A 120 -16.53 -3.74 -0.80
C VAL A 120 -15.43 -2.84 -1.41
N ARG A 121 -14.21 -3.38 -1.61
CA ARG A 121 -13.12 -2.65 -2.24
C ARG A 121 -13.50 -2.28 -3.69
N ASP A 122 -14.28 -3.17 -4.37
CA ASP A 122 -14.79 -2.97 -5.73
C ASP A 122 -15.82 -1.84 -5.77
N GLN A 123 -16.72 -1.78 -4.74
CA GLN A 123 -17.75 -0.74 -4.65
CA GLN A 123 -17.73 -0.74 -4.61
C GLN A 123 -17.07 0.63 -4.51
N ALA A 124 -15.98 0.71 -3.74
CA ALA A 124 -15.23 1.95 -3.57
C ALA A 124 -14.52 2.35 -4.89
N HIS A 126 -15.03 1.14 -8.31
CA HIS A 126 -15.85 1.38 -9.50
C HIS A 126 -17.10 2.20 -9.21
N GLY A 127 -17.50 2.30 -7.95
CA GLY A 127 -18.69 3.07 -7.60
C GLY A 127 -18.35 4.46 -7.15
N ILE A 128 -17.81 4.57 -5.94
CA ILE A 128 -17.41 5.83 -5.31
C ILE A 128 -16.34 6.56 -6.16
N LEU A 129 -15.32 5.83 -6.64
CA LEU A 129 -14.25 6.44 -7.41
C LEU A 129 -14.33 6.07 -8.90
N GLY A 130 -15.56 5.82 -9.38
CA GLY A 130 -15.84 5.50 -10.77
C GLY A 130 -15.39 6.57 -11.75
N PHE A 131 -15.38 7.85 -11.30
CA PHE A 131 -14.98 8.99 -12.14
C PHE A 131 -13.51 8.87 -12.57
N ILE A 132 -12.67 8.15 -11.79
CA ILE A 132 -11.23 8.01 -12.09
C ILE A 132 -11.07 7.24 -13.39
N ALA A 133 -11.74 6.09 -13.54
CA ALA A 133 -11.70 5.30 -14.77
C ALA A 133 -12.27 6.11 -15.96
N GLU A 134 -13.28 6.98 -15.71
CA GLU A 134 -13.85 7.80 -16.77
C GLU A 134 -12.82 8.83 -17.27
N LEU A 135 -12.04 9.43 -16.36
CA LEU A 135 -10.99 10.37 -16.75
C LEU A 135 -9.88 9.65 -17.51
N ILE A 136 -9.52 8.41 -17.10
CA ILE A 136 -8.50 7.62 -17.84
C ILE A 136 -9.01 7.36 -19.27
N ARG A 137 -10.31 6.92 -19.41
CA ARG A 137 -10.92 6.65 -20.72
CA ARG A 137 -10.90 6.64 -20.73
C ARG A 137 -10.88 7.89 -21.60
N GLN A 138 -11.14 9.08 -21.01
CA GLN A 138 -11.09 10.35 -21.75
C GLN A 138 -9.67 10.68 -22.20
N GLY A 139 -8.69 10.43 -21.34
CA GLY A 139 -7.28 10.64 -21.66
C GLY A 139 -6.76 9.69 -22.71
N GLN A 140 -7.30 8.47 -22.76
CA GLN A 140 -6.90 7.48 -23.75
C GLN A 140 -7.47 7.88 -25.12
N ALA A 141 -8.73 8.35 -25.14
CA ALA A 141 -9.44 8.78 -26.35
C ALA A 141 -8.79 10.03 -26.96
N SER A 142 -8.22 10.93 -26.13
CA SER A 142 -7.58 12.17 -26.60
C SER A 142 -6.10 11.95 -27.01
N GLY A 143 -5.60 10.74 -26.80
CA GLY A 143 -4.23 10.39 -27.13
C GLY A 143 -3.19 10.87 -26.14
N GLU A 144 -3.62 11.25 -24.90
CA GLU A 144 -2.70 11.68 -23.86
C GLU A 144 -2.25 10.51 -22.99
N LEU A 145 -3.12 9.51 -22.74
CA LEU A 145 -2.80 8.39 -21.86
C LEU A 145 -2.65 7.08 -22.62
N ALA A 146 -1.70 6.26 -22.15
CA ALA A 146 -1.41 4.94 -22.71
C ALA A 146 -2.61 4.01 -22.55
N GLU A 147 -2.68 3.02 -23.43
CA GLU A 147 -3.79 2.07 -23.44
C GLU A 147 -3.43 0.78 -22.73
N TYR A 148 -3.40 0.82 -21.41
CA TYR A 148 -3.17 -0.38 -20.60
C TYR A 148 -4.53 -0.84 -20.05
N PRO A 149 -4.73 -2.08 -19.53
CA PRO A 149 -6.04 -2.42 -18.94
C PRO A 149 -6.44 -1.38 -17.90
N ILE A 150 -7.69 -0.86 -18.00
CA ILE A 150 -8.23 0.20 -17.15
CA ILE A 150 -8.18 0.23 -17.16
C ILE A 150 -8.09 -0.12 -15.64
N GLU A 151 -8.40 -1.36 -15.23
CA GLU A 151 -8.35 -1.70 -13.81
C GLU A 151 -6.92 -1.68 -13.23
N LEU A 152 -5.93 -2.08 -14.05
CA LEU A 152 -4.53 -2.04 -13.65
C LEU A 152 -4.11 -0.58 -13.49
N GLN A 154 -6.14 1.96 -12.70
CA GLN A 154 -6.74 2.54 -11.50
CA GLN A 154 -6.81 2.47 -11.50
C GLN A 154 -6.02 2.04 -10.26
N ASP A 155 -5.63 0.73 -10.20
CA ASP A 155 -4.86 0.23 -9.06
C ASP A 155 -3.56 0.96 -8.96
N ASN A 156 -2.95 1.25 -10.13
CA ASN A 156 -1.67 1.95 -10.18
C ASN A 156 -1.83 3.36 -9.60
N CYS A 157 -2.90 4.10 -9.99
CA CYS A 157 -3.18 5.43 -9.42
C CYS A 157 -3.25 5.34 -7.90
N HIS A 158 -3.97 4.32 -7.42
CA HIS A 158 -4.17 4.03 -6.01
C HIS A 158 -2.84 3.74 -5.30
N GLY A 159 -2.00 2.88 -5.89
CA GLY A 159 -0.68 2.56 -5.33
C GLY A 159 0.24 3.77 -5.26
N GLN A 160 0.22 4.62 -6.31
CA GLN A 160 1.07 5.80 -6.35
C GLN A 160 0.59 6.83 -5.35
N TYR A 161 -0.74 6.94 -5.17
CA TYR A 161 -1.29 7.85 -4.15
C TYR A 161 -0.81 7.41 -2.76
N LEU A 162 -0.91 6.10 -2.47
CA LEU A 162 -0.51 5.59 -1.16
C LEU A 162 0.97 5.75 -0.93
N ALA A 163 1.78 5.62 -1.99
CA ALA A 163 3.23 5.79 -1.90
C ALA A 163 3.58 7.27 -1.62
N ALA A 164 2.93 8.22 -2.32
CA ALA A 164 3.22 9.65 -2.15
C ALA A 164 2.75 10.15 -0.80
N THR A 165 1.62 9.64 -0.30
CA THR A 165 1.11 10.06 1.01
C THR A 165 1.91 9.42 2.14
N ARG A 166 2.46 8.21 1.95
CA ARG A 166 3.37 7.58 2.90
C ARG A 166 4.61 8.48 3.02
N TYR A 167 5.18 8.87 1.86
CA TYR A 167 6.35 9.73 1.75
C TYR A 167 6.13 11.07 2.45
N PHE A 168 5.01 11.77 2.16
CA PHE A 168 4.79 13.08 2.74
C PHE A 168 4.41 13.03 4.21
N VAL A 169 3.83 11.92 4.70
CA VAL A 169 3.52 11.79 6.12
C VAL A 169 4.85 11.50 6.85
N ASP A 170 5.75 10.71 6.24
CA ASP A 170 7.07 10.40 6.83
C ASP A 170 7.99 11.62 6.82
N HIS A 171 7.86 12.47 5.80
CA HIS A 171 8.70 13.67 5.62
C HIS A 171 7.77 14.88 5.45
N PRO A 172 7.09 15.33 6.53
CA PRO A 172 6.10 16.43 6.38
C PRO A 172 6.70 17.75 5.89
N GLU A 173 8.00 18.00 6.15
CA GLU A 173 8.70 19.20 5.69
C GLU A 173 8.81 19.22 4.14
N ARG A 174 8.83 18.04 3.51
CA ARG A 174 8.96 17.95 2.05
C ARG A 174 7.67 18.31 1.34
N TRP A 175 6.51 18.18 2.03
CA TRP A 175 5.20 18.55 1.48
C TRP A 175 5.14 20.07 1.28
N GLN A 176 5.97 20.82 2.02
CA GLN A 176 6.07 22.29 1.91
C GLN A 176 6.99 22.71 0.78
N GLN A 177 7.66 21.74 0.11
CA GLN A 177 8.62 22.04 -0.96
C GLN A 177 8.00 21.71 -2.30
N ALA A 178 7.76 22.76 -3.12
CA ALA A 178 7.17 22.68 -4.45
C ALA A 178 7.90 21.66 -5.37
N HIS A 179 9.27 21.54 -5.28
CA HIS A 179 10.02 20.60 -6.12
CA HIS A 179 10.02 20.60 -6.11
C HIS A 179 9.59 19.16 -5.78
N GLU A 180 9.36 18.86 -4.48
CA GLU A 180 8.93 17.53 -4.03
C GLU A 180 7.52 17.26 -4.52
N ARG A 181 6.61 18.24 -4.39
CA ARG A 181 5.22 18.12 -4.85
C ARG A 181 5.16 17.90 -6.36
N SER A 182 5.91 18.72 -7.14
CA SER A 182 5.94 18.59 -8.58
C SER A 182 6.46 17.23 -9.00
N ALA A 183 7.51 16.71 -8.31
CA ALA A 183 8.07 15.39 -8.62
C ALA A 183 7.04 14.31 -8.41
N SER A 184 6.21 14.43 -7.34
CA SER A 184 5.17 13.43 -7.04
C SER A 184 4.13 13.39 -8.16
N PHE A 185 3.68 14.54 -8.66
CA PHE A 185 2.73 14.52 -9.81
C PHE A 185 3.40 13.94 -11.09
N ALA A 186 4.69 14.27 -11.33
CA ALA A 186 5.42 13.78 -12.50
C ALA A 186 5.46 12.25 -12.51
N LEU A 187 5.71 11.61 -11.34
CA LEU A 187 5.74 10.14 -11.24
C LEU A 187 4.35 9.60 -11.55
N PHE A 188 3.30 10.26 -11.03
CA PHE A 188 1.91 9.85 -11.24
C PHE A 188 1.50 9.96 -12.74
N TRP A 189 1.66 11.14 -13.35
CA TRP A 189 1.29 11.40 -14.73
C TRP A 189 2.11 10.54 -15.71
N ASN A 190 3.45 10.51 -15.55
CA ASN A 190 4.34 9.80 -16.48
C ASN A 190 4.13 8.29 -16.48
N ALA A 191 3.60 7.72 -15.40
CA ALA A 191 3.28 6.28 -15.42
C ALA A 191 2.23 5.99 -16.47
N ALA A 193 1.00 8.43 -19.02
CA ALA A 193 1.08 9.17 -20.28
C ALA A 193 1.64 8.30 -21.41
N VAL A 194 1.17 8.55 -22.66
CA VAL A 194 1.64 7.87 -23.88
C VAL A 194 3.12 8.19 -24.10
N ARG A 195 3.88 7.22 -24.63
CA ARG A 195 5.29 7.36 -24.99
C ARG A 195 5.50 6.91 -26.44
N ARG B 8 11.96 -25.78 11.30
CA ARG B 8 12.70 -26.89 11.92
C ARG B 8 13.32 -26.45 13.25
N THR B 9 14.00 -25.29 13.28
CA THR B 9 14.58 -24.72 14.50
C THR B 9 13.41 -24.09 15.32
N LYS B 10 13.59 -23.95 16.64
CA LYS B 10 12.56 -23.36 17.50
C LYS B 10 12.27 -21.91 17.08
N LYS B 11 13.33 -21.16 16.77
CA LYS B 11 13.23 -19.78 16.32
C LYS B 11 12.42 -19.67 15.02
N GLN B 12 12.68 -20.57 14.05
CA GLN B 12 12.01 -20.56 12.75
C GLN B 12 10.52 -20.96 12.90
N ALA B 13 10.19 -21.93 13.78
CA ALA B 13 8.81 -22.32 14.03
C ALA B 13 8.01 -21.12 14.54
N ILE B 14 8.64 -20.28 15.40
CA ILE B 14 8.03 -19.07 15.95
C ILE B 14 7.79 -18.07 14.81
N LEU B 15 8.84 -17.79 14.01
CA LEU B 15 8.73 -16.81 12.93
C LEU B 15 7.64 -17.24 11.95
N GLU B 16 7.61 -18.54 11.57
CA GLU B 16 6.59 -19.04 10.63
C GLU B 16 5.17 -18.99 11.25
N THR B 17 5.04 -19.31 12.54
CA THR B 17 3.74 -19.25 13.23
C THR B 17 3.26 -17.78 13.33
N ALA B 18 4.18 -16.86 13.65
CA ALA B 18 3.88 -15.43 13.80
C ALA B 18 3.44 -14.86 12.46
N LEU B 19 4.13 -15.27 11.38
CA LEU B 19 3.77 -14.87 10.02
C LEU B 19 2.32 -15.26 9.73
N GLN B 20 1.95 -16.54 9.98
CA GLN B 20 0.58 -17.02 9.76
C GLN B 20 -0.43 -16.20 10.58
N LEU B 21 -0.19 -16.05 11.88
CA LEU B 21 -1.13 -15.37 12.77
C LEU B 21 -1.19 -13.86 12.55
N PHE B 22 -0.05 -13.18 12.30
CA PHE B 22 -0.04 -11.73 12.04
C PHE B 22 -0.82 -11.41 10.76
N VAL B 23 -0.91 -12.37 9.83
CA VAL B 23 -1.67 -12.17 8.60
C VAL B 23 -3.17 -12.46 8.83
N SER B 24 -3.51 -13.60 9.44
CA SER B 24 -4.91 -13.97 9.63
C SER B 24 -5.62 -13.23 10.78
N GLN B 25 -4.89 -12.82 11.83
CA GLN B 25 -5.49 -12.19 13.01
C GLN B 25 -4.95 -10.81 13.36
N GLY B 26 -3.93 -10.36 12.65
CA GLY B 26 -3.29 -9.08 12.92
C GLY B 26 -2.27 -9.15 14.02
N PHE B 27 -1.51 -8.08 14.20
CA PHE B 27 -0.47 -7.99 15.21
C PHE B 27 -1.07 -7.87 16.63
N HIS B 28 -1.97 -6.89 16.83
CA HIS B 28 -2.60 -6.66 18.14
C HIS B 28 -3.70 -7.67 18.44
N GLY B 29 -4.20 -8.37 17.42
CA GLY B 29 -5.21 -9.41 17.55
C GLY B 29 -4.61 -10.75 17.92
N THR B 30 -3.27 -10.84 17.91
CA THR B 30 -2.52 -12.07 18.22
C THR B 30 -1.77 -11.93 19.54
N SER B 31 -1.93 -12.88 20.45
CA SER B 31 -1.17 -12.86 21.71
C SER B 31 0.10 -13.70 21.59
N THR B 32 1.13 -13.40 22.42
CA THR B 32 2.36 -14.18 22.43
C THR B 32 2.11 -15.62 22.88
N ALA B 33 1.11 -15.84 23.75
CA ALA B 33 0.71 -17.17 24.22
C ALA B 33 0.22 -18.01 23.05
N THR B 34 -0.68 -17.46 22.22
CA THR B 34 -1.17 -18.12 21.00
C THR B 34 0.01 -18.47 20.07
N ILE B 35 0.96 -17.51 19.84
CA ILE B 35 2.12 -17.75 18.97
C ILE B 35 2.93 -18.94 19.48
N ALA B 36 3.34 -18.90 20.76
CA ALA B 36 4.12 -19.97 21.41
C ALA B 36 3.39 -21.34 21.32
N ARG B 37 2.06 -21.34 21.57
CA ARG B 37 1.23 -22.54 21.54
C ARG B 37 1.21 -23.14 20.13
N GLU B 38 0.87 -22.33 19.13
CA GLU B 38 0.82 -22.76 17.73
C GLU B 38 2.22 -23.14 17.18
N ALA B 39 3.30 -22.50 17.65
CA ALA B 39 4.67 -22.83 17.24
C ALA B 39 5.19 -24.10 17.92
N GLY B 40 4.49 -24.57 18.95
CA GLY B 40 4.88 -25.76 19.72
C GLY B 40 6.01 -25.50 20.70
N VAL B 41 6.15 -24.26 21.19
CA VAL B 41 7.21 -23.88 22.13
C VAL B 41 6.60 -23.33 23.45
N ALA B 42 7.38 -23.40 24.54
CA ALA B 42 6.97 -22.81 25.81
C ALA B 42 7.08 -21.30 25.70
N THR B 43 6.22 -20.54 26.39
CA THR B 43 6.23 -19.06 26.34
C THR B 43 7.62 -18.51 26.68
N GLY B 44 8.33 -19.20 27.59
CA GLY B 44 9.68 -18.85 28.00
C GLY B 44 10.67 -18.87 26.84
N THR B 45 10.56 -19.88 25.97
CA THR B 45 11.38 -20.03 24.75
C THR B 45 11.09 -18.89 23.77
N LEU B 46 9.81 -18.48 23.64
CA LEU B 46 9.44 -17.38 22.74
C LEU B 46 10.14 -16.09 23.16
N PHE B 47 10.12 -15.77 24.48
CA PHE B 47 10.68 -14.52 24.98
C PHE B 47 12.19 -14.50 24.98
N HIS B 48 12.85 -15.69 24.99
CA HIS B 48 14.30 -15.80 24.90
C HIS B 48 14.76 -15.26 23.55
N HIS B 49 14.16 -15.80 22.46
CA HIS B 49 14.46 -15.42 21.09
C HIS B 49 13.91 -14.03 20.78
N PHE B 50 12.75 -13.65 21.35
CA PHE B 50 12.10 -12.37 21.03
C PHE B 50 11.56 -11.75 22.32
N PRO B 51 12.31 -10.78 22.93
CA PRO B 51 11.88 -10.20 24.23
C PRO B 51 10.49 -9.54 24.23
N SER B 52 9.99 -9.12 23.06
CA SER B 52 8.66 -8.53 22.95
C SER B 52 8.02 -8.97 21.63
N LYS B 53 6.69 -8.77 21.51
CA LYS B 53 5.93 -9.12 20.31
C LYS B 53 6.34 -8.17 19.17
N GLU B 54 6.69 -6.93 19.53
CA GLU B 54 7.20 -5.86 18.66
C GLU B 54 8.51 -6.30 17.99
N GLN B 55 9.47 -6.85 18.78
CA GLN B 55 10.74 -7.34 18.25
C GLN B 55 10.54 -8.52 17.32
N LEU B 56 9.59 -9.43 17.65
CA LEU B 56 9.26 -10.57 16.80
C LEU B 56 8.72 -10.07 15.45
N LEU B 57 7.80 -9.08 15.45
CA LEU B 57 7.29 -8.50 14.20
C LEU B 57 8.43 -7.86 13.37
N GLU B 58 9.33 -7.15 14.05
CA GLU B 58 10.45 -6.46 13.37
C GLU B 58 11.42 -7.45 12.74
N GLN B 59 11.74 -8.54 13.46
CA GLN B 59 12.65 -9.58 12.97
C GLN B 59 11.99 -10.35 11.83
N LEU B 60 10.69 -10.62 11.93
CA LEU B 60 9.92 -11.27 10.85
C LEU B 60 9.94 -10.36 9.60
N PHE B 61 9.60 -9.08 9.79
CA PHE B 61 9.53 -8.08 8.72
C PHE B 61 10.83 -8.03 7.94
N LEU B 62 11.97 -7.85 8.63
CA LEU B 62 13.29 -7.76 8.00
C LEU B 62 13.68 -9.08 7.33
N GLY B 63 13.28 -10.19 7.96
CA GLY B 63 13.52 -11.55 7.45
C GLY B 63 12.85 -11.78 6.13
N VAL B 64 11.55 -11.46 6.03
CA VAL B 64 10.78 -11.62 4.78
C VAL B 64 11.34 -10.63 3.72
N LYS B 65 11.61 -9.38 4.11
CA LYS B 65 12.22 -8.40 3.17
C LYS B 65 13.54 -8.95 2.61
N GLN B 66 14.41 -9.57 3.46
CA GLN B 66 15.67 -10.16 3.02
C GLN B 66 15.43 -11.31 2.03
N GLU B 67 14.48 -12.21 2.31
CA GLU B 67 14.10 -13.29 1.38
C GLU B 67 13.67 -12.75 0.01
N PHE B 68 12.81 -11.71 0.01
CA PHE B 68 12.33 -11.06 -1.20
C PHE B 68 13.50 -10.47 -2.00
N ALA B 69 14.38 -9.71 -1.32
CA ALA B 69 15.55 -9.07 -1.93
C ALA B 69 16.48 -10.10 -2.54
N ASP B 70 16.74 -11.20 -1.79
CA ASP B 70 17.58 -12.32 -2.22
C ASP B 70 17.02 -13.01 -3.47
N ALA B 71 15.70 -13.30 -3.49
CA ALA B 71 15.03 -13.98 -4.61
C ALA B 71 15.06 -13.17 -5.89
N ILE B 72 14.74 -11.87 -5.80
CA ILE B 72 14.67 -11.03 -7.00
C ILE B 72 16.07 -10.76 -7.57
N GLN B 73 17.09 -10.60 -6.70
CA GLN B 73 18.46 -10.36 -7.16
C GLN B 73 19.07 -11.62 -7.77
N ALA B 74 18.78 -12.81 -7.19
CA ALA B 74 19.27 -14.10 -7.68
C ALA B 74 18.68 -14.47 -9.06
N SER B 75 17.52 -13.90 -9.41
CA SER B 75 16.84 -14.19 -10.67
CA SER B 75 16.85 -14.18 -10.67
C SER B 75 17.33 -13.28 -11.83
N VAL B 76 18.19 -12.28 -11.55
CA VAL B 76 18.68 -11.39 -12.61
C VAL B 76 19.94 -11.90 -13.30
N SER B 77 19.91 -11.95 -14.65
CA SER B 77 21.04 -12.27 -15.54
C SER B 77 21.34 -10.97 -16.31
N SER B 78 22.05 -10.03 -15.64
CA SER B 78 22.37 -8.71 -16.18
C SER B 78 23.34 -8.76 -17.36
N ARG B 79 23.04 -7.96 -18.39
CA ARG B 79 23.83 -7.81 -19.62
C ARG B 79 24.37 -6.36 -19.71
N GLY B 80 24.05 -5.56 -18.71
CA GLY B 80 24.46 -4.15 -18.64
C GLY B 80 23.38 -3.14 -19.00
N ASP B 81 22.23 -3.62 -19.53
CA ASP B 81 21.13 -2.74 -19.91
C ASP B 81 20.22 -2.56 -18.71
N LEU B 82 20.12 -1.30 -18.25
CA LEU B 82 19.35 -0.96 -17.07
C LEU B 82 17.86 -1.31 -17.22
N LYS B 83 17.23 -0.92 -18.34
CA LYS B 83 15.83 -1.19 -18.56
C LYS B 83 15.55 -2.70 -18.54
N GLN B 84 16.43 -3.50 -19.17
CA GLN B 84 16.31 -4.95 -19.21
C GLN B 84 16.42 -5.54 -17.80
N ASP B 85 17.39 -5.01 -16.98
CA ASP B 85 17.60 -5.45 -15.60
C ASP B 85 16.42 -5.07 -14.72
N ALA B 86 15.87 -3.86 -14.93
CA ALA B 86 14.69 -3.37 -14.21
C ALA B 86 13.48 -4.28 -14.55
N GLU B 87 13.37 -4.72 -15.83
CA GLU B 87 12.30 -5.60 -16.27
C GLU B 87 12.40 -6.97 -15.60
N GLN B 88 13.60 -7.56 -15.58
CA GLN B 88 13.87 -8.85 -14.89
C GLN B 88 13.56 -8.74 -13.40
N LEU B 89 13.96 -7.62 -12.75
CA LEU B 89 13.72 -7.44 -11.32
C LEU B 89 12.23 -7.31 -11.02
N TRP B 90 11.51 -6.55 -11.87
CA TRP B 90 10.09 -6.33 -11.72
C TRP B 90 9.31 -7.66 -11.86
N PHE B 91 9.61 -8.44 -12.90
CA PHE B 91 8.89 -9.70 -13.09
C PHE B 91 9.33 -10.74 -12.07
N ALA B 92 10.56 -10.67 -11.54
CA ALA B 92 10.99 -11.59 -10.48
C ALA B 92 10.25 -11.26 -9.18
N ALA B 93 10.01 -9.96 -8.91
CA ALA B 93 9.28 -9.49 -7.72
C ALA B 93 7.82 -9.97 -7.79
N LEU B 94 7.17 -9.78 -8.94
CA LEU B 94 5.78 -10.18 -9.16
C LEU B 94 5.66 -11.71 -9.13
N THR B 95 6.66 -12.45 -9.67
CA THR B 95 6.67 -13.93 -9.60
C THR B 95 6.74 -14.37 -8.16
N TRP B 96 7.59 -13.71 -7.36
CA TRP B 96 7.77 -14.02 -5.95
C TRP B 96 6.46 -13.82 -5.21
N ALA B 97 5.74 -12.70 -5.50
CA ALA B 97 4.44 -12.37 -4.89
C ALA B 97 3.39 -13.47 -5.14
N ALA B 99 4.13 -16.64 -6.00
CA ALA B 99 4.67 -17.90 -5.45
C ALA B 99 4.58 -17.99 -3.93
N ASN B 100 4.53 -16.84 -3.21
CA ASN B 100 4.50 -16.80 -1.72
C ASN B 100 3.29 -15.99 -1.24
N PRO B 101 2.07 -16.56 -1.34
CA PRO B 101 0.87 -15.78 -1.01
C PRO B 101 0.79 -15.29 0.43
N LEU B 102 1.30 -16.06 1.41
CA LEU B 102 1.28 -15.64 2.81
C LEU B 102 2.23 -14.45 3.07
N LYS B 103 3.50 -14.57 2.63
CA LYS B 103 4.50 -13.52 2.77
C LYS B 103 4.11 -12.26 1.99
N GLN B 104 3.44 -12.43 0.83
CA GLN B 104 2.96 -11.30 0.04
C GLN B 104 1.82 -10.59 0.75
N ALA B 105 0.86 -11.35 1.34
CA ALA B 105 -0.24 -10.77 2.12
C ALA B 105 0.33 -9.97 3.32
N PHE B 106 1.44 -10.47 3.94
CA PHE B 106 2.17 -9.83 5.04
C PHE B 106 2.73 -8.50 4.57
N PHE B 107 3.27 -8.41 3.32
CA PHE B 107 3.75 -7.12 2.77
C PHE B 107 2.57 -6.16 2.57
N GLN B 108 1.45 -6.65 1.96
CA GLN B 108 0.26 -5.83 1.74
C GLN B 108 -0.25 -5.25 3.06
N LEU B 109 -0.16 -6.01 4.14
CA LEU B 109 -0.62 -5.52 5.44
C LEU B 109 0.39 -4.63 6.19
N TYR B 110 1.72 -4.92 6.08
CA TYR B 110 2.68 -4.24 6.96
C TYR B 110 3.77 -3.35 6.30
N SER B 111 4.12 -3.59 5.01
CA SER B 111 5.20 -2.89 4.27
C SER B 111 5.16 -1.37 4.27
N SER B 113 2.59 0.40 6.15
CA SER B 113 1.65 0.72 7.21
C SER B 113 2.33 1.42 8.39
N PRO B 114 1.55 2.20 9.17
CA PRO B 114 2.12 2.82 10.39
C PRO B 114 2.43 1.80 11.51
N THR B 115 2.12 0.50 11.32
CA THR B 115 2.36 -0.54 12.34
C THR B 115 3.85 -0.77 12.61
N VAL B 116 4.67 -0.89 11.54
CA VAL B 116 6.10 -1.13 11.69
C VAL B 116 6.80 0.19 11.99
N GLU B 117 7.75 0.18 12.97
CA GLU B 117 8.58 1.33 13.33
C GLU B 117 9.24 1.90 12.09
N GLN B 118 9.24 3.25 11.92
CA GLN B 118 9.83 3.93 10.76
C GLN B 118 11.30 3.53 10.58
N SER B 119 12.05 3.40 11.70
CA SER B 119 13.46 2.99 11.73
CA SER B 119 13.47 3.01 11.70
C SER B 119 13.67 1.63 11.05
N VAL B 120 12.78 0.67 11.34
CA VAL B 120 12.83 -0.69 10.79
C VAL B 120 12.45 -0.66 9.31
N ARG B 121 11.44 0.14 8.93
CA ARG B 121 11.04 0.31 7.53
C ARG B 121 12.21 0.93 6.73
N ASP B 122 13.00 1.83 7.38
CA ASP B 122 14.19 2.47 6.80
C ASP B 122 15.30 1.45 6.55
N GLN B 123 15.50 0.51 7.52
CA GLN B 123 16.53 -0.53 7.40
CA GLN B 123 16.51 -0.56 7.42
C GLN B 123 16.20 -1.44 6.21
N ALA B 124 14.93 -1.74 5.99
CA ALA B 124 14.50 -2.56 4.86
C ALA B 124 14.70 -1.80 3.53
N HIS B 126 16.66 1.22 2.79
CA HIS B 126 18.01 1.65 2.45
C HIS B 126 19.08 0.58 2.71
N GLY B 127 18.75 -0.43 3.51
CA GLY B 127 19.71 -1.49 3.81
C GLY B 127 19.49 -2.69 2.93
N ILE B 128 18.42 -3.45 3.21
CA ILE B 128 18.06 -4.67 2.48
C ILE B 128 17.79 -4.37 1.00
N LEU B 129 17.06 -3.29 0.70
CA LEU B 129 16.73 -2.97 -0.68
C LEU B 129 17.51 -1.73 -1.16
N GLY B 130 18.70 -1.53 -0.59
CA GLY B 130 19.62 -0.45 -0.95
C GLY B 130 20.03 -0.46 -2.40
N PHE B 131 20.06 -1.66 -3.03
CA PHE B 131 20.44 -1.80 -4.45
C PHE B 131 19.45 -1.08 -5.37
N ILE B 132 18.18 -0.88 -4.92
CA ILE B 132 17.16 -0.20 -5.73
C ILE B 132 17.57 1.25 -5.95
N ALA B 133 18.03 1.93 -4.86
CA ALA B 133 18.48 3.32 -4.95
C ALA B 133 19.71 3.42 -5.85
N GLU B 134 20.62 2.40 -5.79
CA GLU B 134 21.83 2.38 -6.62
CA GLU B 134 21.83 2.35 -6.62
C GLU B 134 21.45 2.28 -8.09
N LEU B 135 20.44 1.46 -8.44
CA LEU B 135 20.00 1.33 -9.82
C LEU B 135 19.37 2.62 -10.31
N ILE B 136 18.61 3.33 -9.43
CA ILE B 136 17.98 4.61 -9.81
C ILE B 136 19.09 5.65 -10.10
N ARG B 137 20.11 5.73 -9.21
CA ARG B 137 21.26 6.64 -9.37
C ARG B 137 21.99 6.36 -10.68
N GLN B 138 22.20 5.08 -11.02
CA GLN B 138 22.82 4.68 -12.30
C GLN B 138 21.96 5.10 -13.49
N GLY B 139 20.65 4.94 -13.41
CA GLY B 139 19.74 5.34 -14.47
C GLY B 139 19.66 6.84 -14.66
N GLN B 140 19.85 7.61 -13.59
CA GLN B 140 19.82 9.06 -13.66
C GLN B 140 21.10 9.57 -14.30
N ALA B 141 22.25 8.97 -13.92
CA ALA B 141 23.57 9.31 -14.45
C ALA B 141 23.69 8.97 -15.93
N SER B 142 22.99 7.92 -16.42
CA SER B 142 23.05 7.50 -17.83
C SER B 142 22.04 8.25 -18.71
N GLY B 143 21.25 9.12 -18.10
CA GLY B 143 20.21 9.87 -18.80
C GLY B 143 18.96 9.08 -19.16
N GLU B 144 18.71 7.95 -18.46
CA GLU B 144 17.55 7.10 -18.74
C GLU B 144 16.40 7.35 -17.79
N LEU B 145 16.70 7.76 -16.53
CA LEU B 145 15.70 8.02 -15.50
C LEU B 145 15.64 9.51 -15.12
N ALA B 146 14.43 9.98 -14.84
CA ALA B 146 14.17 11.37 -14.44
C ALA B 146 14.87 11.70 -13.13
N GLU B 147 15.15 13.02 -12.91
CA GLU B 147 15.84 13.44 -11.72
C GLU B 147 14.87 13.97 -10.66
N TYR B 148 14.17 13.05 -9.99
CA TYR B 148 13.28 13.37 -8.89
C TYR B 148 14.00 12.95 -7.60
N PRO B 149 13.60 13.35 -6.38
CA PRO B 149 14.28 12.82 -5.17
C PRO B 149 14.21 11.28 -5.17
N ILE B 150 15.34 10.59 -4.93
CA ILE B 150 15.43 9.12 -4.97
CA ILE B 150 15.39 9.11 -5.01
C ILE B 150 14.52 8.43 -3.94
N GLU B 151 14.35 9.02 -2.73
CA GLU B 151 13.50 8.37 -1.74
CA GLU B 151 13.51 8.39 -1.72
C GLU B 151 12.04 8.38 -2.18
N LEU B 152 11.60 9.44 -2.86
CA LEU B 152 10.23 9.52 -3.40
C LEU B 152 10.09 8.46 -4.50
N GLN B 154 11.84 5.68 -4.80
CA GLN B 154 11.87 4.35 -4.19
C GLN B 154 10.50 4.02 -3.54
N ASP B 155 9.87 4.99 -2.85
CA ASP B 155 8.50 4.78 -2.31
C ASP B 155 7.53 4.52 -3.45
N ASN B 156 7.71 5.24 -4.56
CA ASN B 156 6.87 5.08 -5.74
C ASN B 156 7.01 3.65 -6.28
N CYS B 157 8.26 3.12 -6.41
CA CYS B 157 8.50 1.72 -6.86
C CYS B 157 7.72 0.78 -5.97
N HIS B 158 7.80 1.00 -4.67
CA HIS B 158 7.13 0.22 -3.63
C HIS B 158 5.59 0.28 -3.78
N GLY B 159 5.02 1.48 -3.96
CA GLY B 159 3.59 1.64 -4.16
C GLY B 159 3.09 0.96 -5.44
N GLN B 160 3.88 1.06 -6.53
CA GLN B 160 3.50 0.45 -7.81
C GLN B 160 3.59 -1.06 -7.73
N TYR B 161 4.56 -1.59 -7.00
CA TYR B 161 4.68 -3.03 -6.79
C TYR B 161 3.43 -3.52 -6.02
N LEU B 162 3.05 -2.81 -4.96
CA LEU B 162 1.90 -3.22 -4.16
C LEU B 162 0.61 -3.13 -4.96
N ALA B 163 0.51 -2.14 -5.85
CA ALA B 163 -0.66 -1.99 -6.71
C ALA B 163 -0.76 -3.14 -7.74
N ALA B 164 0.37 -3.49 -8.38
CA ALA B 164 0.40 -4.56 -9.41
C ALA B 164 0.15 -5.91 -8.81
N THR B 165 0.69 -6.16 -7.59
CA THR B 165 0.51 -7.45 -6.91
C THR B 165 -0.89 -7.56 -6.35
N ARG B 166 -1.54 -6.45 -5.97
CA ARG B 166 -2.94 -6.41 -5.53
C ARG B 166 -3.78 -6.87 -6.72
N TYR B 167 -3.53 -6.24 -7.90
CA TYR B 167 -4.19 -6.53 -9.16
C TYR B 167 -4.04 -8.00 -9.56
N PHE B 168 -2.81 -8.54 -9.56
CA PHE B 168 -2.62 -9.92 -10.01
C PHE B 168 -3.09 -10.94 -9.00
N VAL B 169 -3.14 -10.61 -7.70
CA VAL B 169 -3.68 -11.53 -6.69
C VAL B 169 -5.21 -11.54 -6.83
N ASP B 170 -5.81 -10.37 -7.14
CA ASP B 170 -7.27 -10.24 -7.34
C ASP B 170 -7.70 -10.91 -8.65
N HIS B 171 -6.84 -10.86 -9.67
CA HIS B 171 -7.13 -11.42 -11.02
C HIS B 171 -6.00 -12.37 -11.40
N PRO B 172 -5.89 -13.55 -10.74
CA PRO B 172 -4.74 -14.45 -11.01
C PRO B 172 -4.65 -14.93 -12.46
N GLU B 173 -5.79 -15.01 -13.17
CA GLU B 173 -5.82 -15.43 -14.58
C GLU B 173 -5.11 -14.38 -15.49
N ARG B 174 -5.10 -13.12 -15.09
CA ARG B 174 -4.45 -12.06 -15.88
C ARG B 174 -2.93 -12.13 -15.80
N TRP B 175 -2.39 -12.73 -14.72
CA TRP B 175 -0.95 -12.91 -14.54
C TRP B 175 -0.43 -13.86 -15.63
N GLN B 176 -1.29 -14.72 -16.18
CA GLN B 176 -0.95 -15.67 -17.26
C GLN B 176 -0.98 -15.00 -18.63
N GLN B 177 -1.41 -13.72 -18.70
CA GLN B 177 -1.53 -13.00 -19.97
C GLN B 177 -0.38 -12.00 -20.13
N ALA B 178 0.52 -12.25 -21.10
CA ALA B 178 1.69 -11.45 -21.40
C ALA B 178 1.36 -9.95 -21.61
N HIS B 179 0.22 -9.60 -22.25
CA HIS B 179 -0.07 -8.16 -22.44
C HIS B 179 -0.36 -7.49 -21.10
N GLU B 180 -1.00 -8.21 -20.13
CA GLU B 180 -1.24 -7.68 -18.78
C GLU B 180 0.09 -7.47 -18.08
N ARG B 181 0.99 -8.46 -18.16
CA ARG B 181 2.31 -8.38 -17.54
C ARG B 181 3.12 -7.22 -18.13
N SER B 182 3.15 -7.10 -19.47
CA SER B 182 3.88 -6.06 -20.13
C SER B 182 3.35 -4.68 -19.74
N ALA B 183 2.01 -4.54 -19.61
CA ALA B 183 1.41 -3.26 -19.23
C ALA B 183 1.86 -2.87 -17.81
N SER B 184 1.98 -3.86 -16.90
CA SER B 184 2.38 -3.58 -15.52
C SER B 184 3.82 -3.05 -15.49
N PHE B 185 4.75 -3.64 -16.28
CA PHE B 185 6.11 -3.08 -16.32
C PHE B 185 6.13 -1.66 -16.95
N ALA B 186 5.30 -1.43 -17.98
CA ALA B 186 5.24 -0.13 -18.67
C ALA B 186 4.86 0.98 -17.68
N LEU B 187 3.85 0.72 -16.80
CA LEU B 187 3.44 1.70 -15.79
C LEU B 187 4.58 1.96 -14.83
N PHE B 188 5.30 0.90 -14.42
CA PHE B 188 6.43 1.00 -13.49
C PHE B 188 7.61 1.81 -14.11
N TRP B 189 8.08 1.42 -15.30
CA TRP B 189 9.18 2.08 -15.99
C TRP B 189 8.87 3.52 -16.38
N ASN B 190 7.69 3.77 -17.00
CA ASN B 190 7.33 5.10 -17.49
C ASN B 190 7.15 6.12 -16.37
N ALA B 191 6.84 5.67 -15.14
CA ALA B 191 6.78 6.62 -14.01
C ALA B 191 8.16 7.26 -13.80
N ALA B 193 11.10 6.94 -16.09
CA ALA B 193 11.87 7.31 -17.27
C ALA B 193 11.84 8.79 -17.58
N VAL B 194 12.95 9.33 -18.16
CA VAL B 194 13.09 10.73 -18.60
C VAL B 194 12.09 11.05 -19.68
N ARG B 195 11.58 12.31 -19.65
CA ARG B 195 10.66 12.84 -20.66
C ARG B 195 11.18 14.15 -21.22
#